data_7W6Y
#
_entry.id   7W6Y
#
_cell.length_a   44.560
_cell.length_b   49.780
_cell.length_c   76.080
_cell.angle_alpha   86.897
_cell.angle_beta   79.181
_cell.angle_gamma   82.189
#
_symmetry.space_group_name_H-M   'P 1'
#
loop_
_entity.id
_entity.type
_entity.pdbx_description
1 polymer 'Anti sigma-E protein, RseA'
2 non-polymer 'ZINC ION'
3 non-polymer 4-(N-HYDROXYAMINO)-2R-ISOBUTYL-2S-(2-THIENYLTHIOMETHYL)SUCCINYL-L-PHENYLALANINE-N-METHYLAMIDE
#
_entity_poly.entity_id   1
_entity_poly.type   'polypeptide(L)'
_entity_poly.pdbx_seq_one_letter_code
;(MSE)TDFLYSIFGLLILLGVLVTFHEWGHYWVAKKLGVKALRFSVGFGKPIWGRTNKHGTEFVIAPIPLGGYVRFVDER
EGEVAEADLPFAFNRQQVWKRILIVLAGP(MSE)ANFLLAIVVYAAVY(MSE)(MSE)GIAVGKPFVTNVLPNTVAAQAN
FPENSEILSVDGVQVKSLEDAIFAFVDHIDDDKTIKVVVKPLNQEPTTVVLDVSQWQEPDEGTIFDSLGLGFGRVNGEPS
LGLVAKDSPAEKGGLKVGDTVVSVNGESISLWSEFVSFIENNPGKPLELIVARDGYQQPLVVTPEANERDRTIGYLGISP
AFQGYNVINYGFFESFGKGAEQTWV(MSE)VERIGSFLGKLITGKLSIKNLGGPVGIAQGAGQTAQAG(MSE)VAFLLYL
A(MSE)ISVNLGFVNLLPIP(MSE)LDGGHL(MSE)YYLVELVRGKPVSEKI(MSE)ELG(MSE)RVGIILVLTI(MSE)
AIALFFDINRINQLESSGENLYFQ
;
_entity_poly.pdbx_strand_id   A
#
loop_
_chem_comp.id
_chem_comp.type
_chem_comp.name
_chem_comp.formula
BAT non-polymer 4-(N-HYDROXYAMINO)-2R-ISOBUTYL-2S-(2-THIENYLTHIOMETHYL)SUCCINYL-L-PHENYLALANINE-N-METHYLAMIDE 'C23 H31 N3 O4 S2'
ZN non-polymer 'ZINC ION' 'Zn 2'
#
# COMPACT_ATOMS: atom_id res chain seq x y z
N MSE A 1 -7.46 -27.79 -11.89
CA MSE A 1 -6.75 -26.51 -11.90
C MSE A 1 -7.73 -25.33 -11.78
O MSE A 1 -8.25 -24.83 -12.79
CB MSE A 1 -5.92 -26.38 -13.17
CG MSE A 1 -6.52 -27.06 -14.40
SE MSE A 1 -5.31 -27.06 -15.93
CE MSE A 1 -6.32 -28.25 -17.10
N THR A 2 -7.97 -24.90 -10.55
CA THR A 2 -8.84 -23.76 -10.28
C THR A 2 -8.09 -22.50 -9.88
N ASP A 3 -6.93 -22.65 -9.23
CA ASP A 3 -6.11 -21.48 -8.90
C ASP A 3 -5.60 -20.78 -10.14
N PHE A 4 -5.35 -21.55 -11.22
CA PHE A 4 -4.94 -20.96 -12.48
C PHE A 4 -5.94 -19.91 -12.96
N LEU A 5 -7.23 -20.17 -12.77
CA LEU A 5 -8.26 -19.25 -13.22
C LEU A 5 -8.10 -17.88 -12.56
N TYR A 6 -8.18 -17.84 -11.23
CA TYR A 6 -8.05 -16.57 -10.51
C TYR A 6 -6.70 -15.92 -10.75
N SER A 7 -5.64 -16.73 -10.89
CA SER A 7 -4.31 -16.19 -11.10
C SER A 7 -4.22 -15.45 -12.43
N ILE A 8 -4.55 -16.13 -13.53
CA ILE A 8 -4.47 -15.47 -14.83
C ILE A 8 -5.52 -14.37 -14.95
N PHE A 9 -6.63 -14.49 -14.22
CA PHE A 9 -7.62 -13.42 -14.21
C PHE A 9 -7.04 -12.15 -13.60
N GLY A 10 -6.40 -12.28 -12.44
CA GLY A 10 -5.74 -11.13 -11.85
C GLY A 10 -4.63 -10.57 -12.72
N LEU A 11 -3.87 -11.46 -13.37
CA LEU A 11 -2.80 -11.01 -14.26
C LEU A 11 -3.36 -10.18 -15.42
N LEU A 12 -4.40 -10.70 -16.09
CA LEU A 12 -4.98 -9.99 -17.21
C LEU A 12 -5.62 -8.68 -16.75
N ILE A 13 -6.28 -8.68 -15.59
CA ILE A 13 -6.88 -7.45 -15.08
C ILE A 13 -5.80 -6.40 -14.82
N LEU A 14 -4.71 -6.80 -14.17
CA LEU A 14 -3.62 -5.88 -13.87
C LEU A 14 -3.03 -5.29 -15.14
N LEU A 15 -2.67 -6.16 -16.09
CA LEU A 15 -2.06 -5.68 -17.33
C LEU A 15 -3.01 -4.78 -18.11
N GLY A 16 -4.27 -5.19 -18.24
CA GLY A 16 -5.24 -4.38 -18.95
C GLY A 16 -5.44 -3.02 -18.32
N VAL A 17 -5.57 -2.99 -16.98
CA VAL A 17 -5.78 -1.72 -16.30
C VAL A 17 -4.59 -0.79 -16.52
N LEU A 18 -3.37 -1.32 -16.35
CA LEU A 18 -2.18 -0.47 -16.49
C LEU A 18 -2.05 0.07 -17.91
N VAL A 19 -2.13 -0.81 -18.91
CA VAL A 19 -1.99 -0.37 -20.30
C VAL A 19 -3.11 0.59 -20.68
N THR A 20 -4.34 0.28 -20.27
CA THR A 20 -5.48 1.11 -20.62
C THR A 20 -5.36 2.50 -20.01
N PHE A 21 -4.89 2.60 -18.76
CA PHE A 21 -4.79 3.92 -18.16
C PHE A 21 -3.62 4.71 -18.75
N HIS A 22 -2.52 4.06 -19.10
CA HIS A 22 -1.44 4.78 -19.78
C HIS A 22 -1.92 5.35 -21.12
N GLU A 23 -2.53 4.50 -21.95
CA GLU A 23 -3.01 4.96 -23.25
C GLU A 23 -4.11 5.99 -23.10
N TRP A 24 -4.94 5.88 -22.05
CA TRP A 24 -5.99 6.85 -21.83
C TRP A 24 -5.45 8.18 -21.36
N GLY A 25 -4.37 8.18 -20.58
CA GLY A 25 -3.70 9.42 -20.26
C GLY A 25 -3.21 10.12 -21.50
N HIS A 26 -2.47 9.39 -22.35
CA HIS A 26 -2.05 9.93 -23.64
C HIS A 26 -3.24 10.52 -24.41
N TYR A 27 -4.29 9.71 -24.60
CA TYR A 27 -5.42 10.09 -25.42
C TYR A 27 -6.15 11.30 -24.85
N TRP A 28 -6.41 11.30 -23.54
CA TRP A 28 -7.21 12.36 -22.94
C TRP A 28 -6.44 13.68 -22.92
N VAL A 29 -5.13 13.63 -22.65
CA VAL A 29 -4.37 14.88 -22.69
C VAL A 29 -4.32 15.43 -24.11
N ALA A 30 -4.10 14.55 -25.10
CA ALA A 30 -4.07 15.03 -26.48
C ALA A 30 -5.44 15.58 -26.90
N LYS A 31 -6.52 14.97 -26.42
CA LYS A 31 -7.85 15.42 -26.78
C LYS A 31 -8.19 16.76 -26.13
N LYS A 32 -7.82 16.94 -24.87
CA LYS A 32 -8.07 18.20 -24.20
C LYS A 32 -7.18 19.31 -24.73
N LEU A 33 -6.01 18.96 -25.29
CA LEU A 33 -5.15 19.97 -25.88
C LEU A 33 -5.55 20.34 -27.31
N GLY A 34 -6.34 19.50 -27.97
CA GLY A 34 -6.79 19.76 -29.32
C GLY A 34 -6.22 18.86 -30.39
N VAL A 35 -5.75 17.66 -30.05
CA VAL A 35 -5.15 16.73 -31.00
C VAL A 35 -6.11 15.56 -31.20
N LYS A 36 -6.40 15.25 -32.46
CA LYS A 36 -7.33 14.20 -32.81
C LYS A 36 -6.60 12.86 -32.88
N ALA A 37 -7.11 11.88 -32.13
CA ALA A 37 -6.52 10.54 -32.11
C ALA A 37 -7.10 9.68 -33.23
N LEU A 38 -6.22 8.95 -33.92
CA LEU A 38 -6.62 8.06 -35.00
C LEU A 38 -6.81 6.62 -34.56
N ARG A 39 -6.02 6.15 -33.58
CA ARG A 39 -6.13 4.76 -33.15
C ARG A 39 -5.72 4.64 -31.69
N PHE A 40 -6.48 3.84 -30.95
CA PHE A 40 -6.29 3.62 -29.51
C PHE A 40 -6.14 2.11 -29.32
N SER A 41 -4.92 1.60 -29.46
CA SER A 41 -4.68 0.17 -29.46
C SER A 41 -4.14 -0.29 -28.12
N VAL A 42 -4.70 -1.39 -27.59
CA VAL A 42 -4.30 -1.97 -26.33
C VAL A 42 -4.06 -3.45 -26.55
N GLY A 43 -2.84 -3.91 -26.28
CA GLY A 43 -2.50 -5.30 -26.40
C GLY A 43 -2.02 -5.68 -27.79
N PHE A 44 -1.28 -6.77 -27.86
CA PHE A 44 -0.74 -7.29 -29.11
C PHE A 44 -1.55 -8.50 -29.57
N GLY A 45 -1.43 -8.81 -30.86
CA GLY A 45 -2.12 -9.93 -31.44
C GLY A 45 -3.21 -9.52 -32.42
N LYS A 46 -4.26 -10.31 -32.50
CA LYS A 46 -5.35 -9.97 -33.41
C LYS A 46 -6.50 -9.33 -32.66
N PRO A 47 -7.14 -8.32 -33.26
CA PRO A 47 -8.22 -7.61 -32.56
C PRO A 47 -9.36 -8.53 -32.16
N ILE A 48 -9.67 -8.54 -30.86
CA ILE A 48 -10.89 -9.18 -30.38
C ILE A 48 -12.03 -8.19 -30.20
N TRP A 49 -11.74 -6.90 -30.11
CA TRP A 49 -12.79 -5.88 -30.02
C TRP A 49 -12.37 -4.66 -30.82
N GLY A 50 -13.35 -4.00 -31.44
CA GLY A 50 -13.07 -2.83 -32.25
C GLY A 50 -14.27 -1.93 -32.46
N ARG A 51 -14.13 -0.65 -32.11
CA ARG A 51 -15.24 0.29 -32.23
C ARG A 51 -14.69 1.67 -32.54
N THR A 52 -15.33 2.37 -33.48
CA THR A 52 -14.90 3.68 -33.91
C THR A 52 -15.66 4.77 -33.15
N ASN A 53 -14.92 5.74 -32.61
CA ASN A 53 -15.51 6.84 -31.88
C ASN A 53 -16.26 7.78 -32.83
N LYS A 54 -16.93 8.77 -32.25
CA LYS A 54 -17.59 9.79 -33.07
C LYS A 54 -16.60 10.71 -33.74
N HIS A 55 -15.38 10.81 -33.21
CA HIS A 55 -14.31 11.58 -33.82
C HIS A 55 -13.38 10.72 -34.68
N GLY A 56 -13.91 9.63 -35.24
CA GLY A 56 -13.12 8.74 -36.08
C GLY A 56 -12.06 7.94 -35.36
N THR A 57 -11.91 8.10 -34.04
CA THR A 57 -10.92 7.34 -33.31
C THR A 57 -11.35 5.88 -33.21
N GLU A 58 -10.46 4.97 -33.59
CA GLU A 58 -10.75 3.53 -33.58
C GLU A 58 -10.12 2.92 -32.34
N PHE A 59 -10.94 2.61 -31.34
CA PHE A 59 -10.50 1.88 -30.17
C PHE A 59 -10.50 0.39 -30.48
N VAL A 60 -9.34 -0.24 -30.36
CA VAL A 60 -9.18 -1.66 -30.68
C VAL A 60 -8.53 -2.35 -29.49
N ILE A 61 -8.92 -3.59 -29.26
CA ILE A 61 -8.44 -4.38 -28.13
C ILE A 61 -8.09 -5.79 -28.62
N ALA A 62 -6.86 -6.21 -28.35
CA ALA A 62 -6.23 -7.49 -28.64
C ALA A 62 -6.06 -8.28 -27.34
N PRO A 63 -5.93 -9.61 -27.41
CA PRO A 63 -5.99 -10.43 -26.20
C PRO A 63 -4.68 -10.63 -25.46
N ILE A 64 -3.57 -10.08 -25.92
CA ILE A 64 -2.28 -10.24 -25.24
C ILE A 64 -1.84 -8.88 -24.70
N PRO A 65 -2.28 -8.49 -23.50
CA PRO A 65 -1.98 -7.13 -23.01
C PRO A 65 -0.56 -6.98 -22.47
N LEU A 66 0.38 -6.66 -23.37
CA LEU A 66 1.76 -6.37 -22.98
C LEU A 66 2.23 -5.02 -23.50
N GLY A 67 1.34 -4.24 -24.11
CA GLY A 67 1.71 -2.94 -24.63
C GLY A 67 0.52 -2.30 -25.31
N GLY A 68 0.77 -1.14 -25.91
CA GLY A 68 -0.28 -0.41 -26.60
C GLY A 68 0.25 0.90 -27.11
N TYR A 69 -0.61 1.60 -27.86
CA TYR A 69 -0.22 2.87 -28.44
C TYR A 69 -1.47 3.70 -28.72
N VAL A 70 -1.23 5.00 -28.94
CA VAL A 70 -2.27 5.93 -29.40
C VAL A 70 -1.68 6.69 -30.58
N ARG A 71 -2.15 6.37 -31.78
CA ARG A 71 -1.74 7.05 -33.00
C ARG A 71 -2.64 8.26 -33.21
N PHE A 72 -2.03 9.43 -33.33
CA PHE A 72 -2.75 10.68 -33.56
C PHE A 72 -2.63 11.11 -35.01
N VAL A 73 -3.29 12.21 -35.35
CA VAL A 73 -3.15 12.82 -36.67
C VAL A 73 -1.75 13.40 -36.79
N ASP A 74 -0.97 12.90 -37.75
CA ASP A 74 0.41 13.31 -37.89
C ASP A 74 0.81 13.26 -39.36
N GLU A 75 1.35 14.37 -39.86
CA GLU A 75 1.84 14.41 -41.24
C GLU A 75 3.07 13.54 -41.43
N ARG A 76 3.81 13.25 -40.35
CA ARG A 76 5.01 12.42 -40.47
C ARG A 76 4.68 10.95 -40.69
N GLU A 77 3.44 10.53 -40.44
CA GLU A 77 3.06 9.13 -40.50
C GLU A 77 2.03 8.82 -41.57
N GLY A 78 1.51 9.83 -42.27
CA GLY A 78 0.54 9.59 -43.32
C GLY A 78 -0.09 10.88 -43.79
N GLU A 79 -0.93 10.75 -44.82
CA GLU A 79 -1.61 11.90 -45.39
C GLU A 79 -2.64 12.46 -44.41
N VAL A 80 -2.74 13.78 -44.35
CA VAL A 80 -3.68 14.48 -43.48
C VAL A 80 -4.52 15.39 -44.34
N ALA A 81 -5.84 15.24 -44.25
CA ALA A 81 -6.75 16.08 -45.01
C ALA A 81 -6.58 17.55 -44.61
N GLU A 82 -6.78 18.43 -45.59
CA GLU A 82 -6.55 19.86 -45.37
C GLU A 82 -7.43 20.41 -44.25
N ALA A 83 -8.58 19.79 -44.00
CA ALA A 83 -9.46 20.21 -42.93
C ALA A 83 -9.15 19.54 -41.59
N ASP A 84 -8.09 18.72 -41.53
CA ASP A 84 -7.69 18.07 -40.28
C ASP A 84 -6.35 18.54 -39.75
N LEU A 85 -5.64 19.40 -40.48
CA LEU A 85 -4.36 19.92 -40.00
C LEU A 85 -4.47 20.61 -38.64
N PRO A 86 -5.49 21.41 -38.33
CA PRO A 86 -5.55 22.04 -37.00
C PRO A 86 -5.71 21.07 -35.85
N PHE A 87 -5.92 19.78 -36.12
CA PHE A 87 -6.00 18.77 -35.08
C PHE A 87 -4.83 17.80 -35.11
N ALA A 88 -3.77 18.15 -35.84
CA ALA A 88 -2.62 17.27 -36.01
C ALA A 88 -1.64 17.43 -34.86
N PHE A 89 -0.96 16.33 -34.54
CA PHE A 89 0.02 16.32 -33.45
C PHE A 89 1.16 17.31 -33.73
N ASN A 90 1.74 17.23 -34.92
CA ASN A 90 2.92 18.02 -35.24
C ASN A 90 2.61 19.49 -35.48
N ARG A 91 1.35 19.84 -35.73
CA ARG A 91 0.97 21.23 -35.99
C ARG A 91 0.73 22.03 -34.71
N GLN A 92 0.97 21.43 -33.54
CA GLN A 92 0.82 22.12 -32.27
C GLN A 92 2.15 22.69 -31.82
N GLN A 93 2.09 23.60 -30.85
CA GLN A 93 3.30 24.12 -30.24
C GLN A 93 4.04 22.99 -29.52
N VAL A 94 5.35 23.19 -29.33
CA VAL A 94 6.20 22.09 -28.86
C VAL A 94 5.80 21.68 -27.44
N TRP A 95 5.38 22.64 -26.61
CA TRP A 95 5.01 22.29 -25.24
C TRP A 95 3.77 21.41 -25.19
N LYS A 96 2.84 21.59 -26.13
CA LYS A 96 1.65 20.74 -26.18
C LYS A 96 2.03 19.29 -26.42
N ARG A 97 2.85 19.04 -27.45
CA ARG A 97 3.26 17.67 -27.74
C ARG A 97 4.16 17.11 -26.64
N ILE A 98 4.93 17.97 -25.98
CA ILE A 98 5.70 17.53 -24.80
C ILE A 98 4.76 17.00 -23.73
N LEU A 99 3.70 17.76 -23.43
CA LEU A 99 2.74 17.31 -22.43
C LEU A 99 2.03 16.04 -22.86
N ILE A 100 1.71 15.92 -24.15
CA ILE A 100 1.04 14.72 -24.65
C ILE A 100 1.93 13.50 -24.46
N VAL A 101 3.22 13.63 -24.74
CA VAL A 101 4.14 12.51 -24.56
C VAL A 101 4.31 12.20 -23.07
N LEU A 102 4.39 13.23 -22.23
CA LEU A 102 4.56 13.03 -20.80
C LEU A 102 3.33 12.44 -20.13
N ALA A 103 2.17 12.49 -20.79
CA ALA A 103 0.91 12.15 -20.14
C ALA A 103 0.87 10.68 -19.72
N GLY A 104 1.46 9.80 -20.51
CA GLY A 104 1.42 8.38 -20.26
C GLY A 104 1.99 8.00 -18.90
N PRO A 105 3.30 8.13 -18.74
CA PRO A 105 3.91 7.82 -17.43
C PRO A 105 3.23 8.52 -16.27
N MSE A 106 2.97 9.82 -16.39
CA MSE A 106 2.22 10.56 -15.38
C MSE A 106 0.96 9.80 -15.02
O MSE A 106 0.73 9.51 -13.84
CB MSE A 106 1.87 11.96 -15.87
CG MSE A 106 3.06 12.89 -16.06
SE MSE A 106 4.16 13.07 -14.47
CE MSE A 106 5.58 11.81 -14.91
N ALA A 107 0.18 9.45 -16.04
CA ALA A 107 -1.02 8.63 -15.84
C ALA A 107 -0.73 7.47 -14.90
N ASN A 108 0.26 6.64 -15.27
CA ASN A 108 0.68 5.53 -14.42
C ASN A 108 0.86 5.98 -12.97
N PHE A 109 1.76 6.95 -12.76
CA PHE A 109 2.00 7.45 -11.41
C PHE A 109 0.69 7.88 -10.76
N LEU A 110 -0.12 8.65 -11.48
CA LEU A 110 -1.42 9.07 -10.96
C LEU A 110 -2.21 7.86 -10.46
N LEU A 111 -2.38 6.85 -11.33
CA LEU A 111 -3.08 5.63 -10.92
C LEU A 111 -2.48 5.09 -9.63
N ALA A 112 -1.15 4.91 -9.62
CA ALA A 112 -0.47 4.47 -8.41
C ALA A 112 -0.99 5.23 -7.21
N ILE A 113 -0.86 6.56 -7.25
CA ILE A 113 -1.28 7.41 -6.14
C ILE A 113 -2.69 7.03 -5.72
N VAL A 114 -3.65 7.10 -6.65
CA VAL A 114 -5.04 6.89 -6.25
C VAL A 114 -5.20 5.49 -5.67
N VAL A 115 -4.54 4.49 -6.28
CA VAL A 115 -4.67 3.13 -5.75
C VAL A 115 -4.14 3.08 -4.33
N TYR A 116 -2.99 3.71 -4.08
CA TYR A 116 -2.50 3.80 -2.71
C TYR A 116 -3.53 4.49 -1.82
N ALA A 117 -4.07 5.62 -2.27
CA ALA A 117 -5.10 6.30 -1.49
C ALA A 117 -6.32 5.43 -1.32
N ALA A 118 -6.59 4.52 -2.27
CA ALA A 118 -7.73 3.62 -2.13
C ALA A 118 -7.49 2.58 -1.05
N VAL A 119 -6.23 2.17 -0.81
CA VAL A 119 -5.97 1.18 0.23
C VAL A 119 -5.67 1.82 1.58
N TYR A 120 -5.46 3.14 1.63
CA TYR A 120 -5.30 3.84 2.89
C TYR A 120 -6.65 4.21 3.52
N MSE A 121 -7.74 4.10 2.78
CA MSE A 121 -9.07 4.35 3.33
C MSE A 121 -9.68 3.05 3.83
O MSE A 121 -10.28 3.01 4.91
CB MSE A 121 -9.99 4.98 2.28
CG MSE A 121 -9.42 6.21 1.60
SE MSE A 121 -10.58 6.80 0.15
CE MSE A 121 -10.90 5.08 -0.69
N MSE A 122 -9.54 2.00 3.03
CA MSE A 122 -10.10 0.68 3.35
C MSE A 122 -9.55 0.14 4.66
O MSE A 122 -10.17 -0.71 5.30
CB MSE A 122 -9.83 -0.31 2.21
CG MSE A 122 -10.75 -0.16 1.00
SE MSE A 122 -10.31 -1.41 -0.42
CE MSE A 122 -11.92 -1.23 -1.51
N GLY A 123 -8.38 0.62 5.06
CA GLY A 123 -7.76 0.19 6.30
C GLY A 123 -6.64 -0.81 6.08
N ILE A 124 -5.44 -0.51 6.59
CA ILE A 124 -4.29 -1.37 6.41
C ILE A 124 -3.93 -1.99 7.75
N ALA A 125 -3.62 -3.29 7.73
CA ALA A 125 -3.34 -4.04 8.94
C ALA A 125 -1.84 -4.04 9.22
N VAL A 126 -1.47 -3.56 10.41
CA VAL A 126 -0.09 -3.56 10.86
C VAL A 126 -0.01 -4.34 12.17
N GLY A 127 1.22 -4.65 12.58
CA GLY A 127 1.46 -5.39 13.80
C GLY A 127 1.48 -4.47 15.01
N LYS A 128 0.92 -4.96 16.11
CA LYS A 128 0.88 -4.18 17.34
C LYS A 128 2.29 -4.04 17.92
N PRO A 129 2.71 -2.84 18.30
CA PRO A 129 4.01 -2.69 18.96
C PRO A 129 3.97 -3.22 20.38
N PHE A 130 4.18 -4.52 20.55
CA PHE A 130 4.07 -5.18 21.85
C PHE A 130 5.46 -5.46 22.39
N VAL A 131 5.85 -4.73 23.44
CA VAL A 131 7.16 -4.90 24.06
C VAL A 131 7.15 -6.23 24.81
N THR A 132 7.97 -7.18 24.35
CA THR A 132 7.99 -8.51 24.95
C THR A 132 8.90 -8.57 26.18
N ASN A 133 10.03 -7.86 26.15
CA ASN A 133 11.05 -8.00 27.17
C ASN A 133 11.68 -6.64 27.46
N VAL A 134 12.48 -6.60 28.53
CA VAL A 134 13.26 -5.43 28.89
C VAL A 134 14.69 -5.89 29.18
N LEU A 135 15.66 -4.99 28.92
CA LEU A 135 17.07 -5.31 29.08
C LEU A 135 17.58 -4.82 30.44
N PRO A 136 18.63 -5.43 30.97
CA PRO A 136 19.21 -4.95 32.24
C PRO A 136 20.11 -3.76 32.02
N ASN A 137 20.34 -3.04 33.13
CA ASN A 137 21.18 -1.84 33.20
C ASN A 137 21.02 -0.92 31.99
N THR A 138 19.79 -0.71 31.54
CA THR A 138 19.48 0.18 30.44
C THR A 138 18.57 1.31 30.93
N VAL A 139 18.27 2.25 30.03
CA VAL A 139 17.41 3.38 30.38
C VAL A 139 16.02 2.90 30.74
N ALA A 140 15.56 1.80 30.13
CA ALA A 140 14.26 1.25 30.44
C ALA A 140 14.26 0.41 31.71
N ALA A 141 15.44 -0.02 32.18
CA ALA A 141 15.50 -0.86 33.37
C ALA A 141 15.25 -0.04 34.63
N GLN A 142 15.92 1.11 34.75
CA GLN A 142 15.65 2.00 35.88
C GLN A 142 14.22 2.50 35.87
N ALA A 143 13.70 2.81 34.68
CA ALA A 143 12.32 3.24 34.56
C ALA A 143 11.33 2.11 34.87
N ASN A 144 11.81 0.87 34.91
CA ASN A 144 10.97 -0.29 35.19
C ASN A 144 9.81 -0.40 34.21
N PHE A 145 10.09 -0.84 32.99
CA PHE A 145 9.06 -1.08 32.00
C PHE A 145 8.25 -2.33 32.34
N PRO A 146 7.04 -2.44 31.81
CA PRO A 146 6.26 -3.66 32.01
C PRO A 146 6.72 -4.79 31.09
N GLU A 147 6.79 -5.98 31.66
CA GLU A 147 6.97 -7.18 30.85
C GLU A 147 5.68 -7.45 30.10
N ASN A 148 5.77 -7.54 28.78
CA ASN A 148 4.61 -7.71 27.91
C ASN A 148 3.66 -6.52 28.02
N SER A 149 3.85 -5.53 27.15
CA SER A 149 3.02 -4.34 27.14
C SER A 149 2.98 -3.78 25.72
N GLU A 150 1.97 -2.96 25.46
CA GLU A 150 1.75 -2.41 24.12
C GLU A 150 1.88 -0.89 24.14
N ILE A 151 2.61 -0.35 23.15
CA ILE A 151 2.81 1.09 23.04
C ILE A 151 1.52 1.74 22.56
N LEU A 152 1.14 2.83 23.21
CA LEU A 152 -0.02 3.62 22.81
C LEU A 152 0.36 4.96 22.22
N SER A 153 1.17 5.76 22.93
CA SER A 153 1.51 7.09 22.41
C SER A 153 2.86 7.54 22.98
N VAL A 154 3.86 7.68 22.12
CA VAL A 154 5.19 8.09 22.53
C VAL A 154 5.38 9.57 22.18
N ASP A 155 5.82 10.36 23.16
CA ASP A 155 6.04 11.79 23.00
C ASP A 155 4.83 12.52 22.43
N GLY A 156 3.63 12.06 22.78
CA GLY A 156 2.43 12.73 22.33
C GLY A 156 1.76 12.12 21.12
N VAL A 157 2.55 11.89 20.06
CA VAL A 157 1.99 11.37 18.82
C VAL A 157 1.49 9.95 19.03
N GLN A 158 0.30 9.66 18.52
CA GLN A 158 -0.32 8.35 18.66
C GLN A 158 0.16 7.43 17.54
N VAL A 159 0.74 6.30 17.93
CA VAL A 159 1.27 5.33 16.98
C VAL A 159 0.52 4.02 17.13
N LYS A 160 0.42 3.27 16.03
CA LYS A 160 -0.22 1.96 16.04
C LYS A 160 0.63 0.90 15.35
N SER A 161 1.91 1.16 15.11
CA SER A 161 2.76 0.22 14.40
C SER A 161 4.19 0.34 14.91
N LEU A 162 5.02 -0.61 14.49
CA LEU A 162 6.44 -0.62 14.88
C LEU A 162 7.24 0.38 14.05
N GLU A 163 7.05 0.34 12.73
CA GLU A 163 7.72 1.32 11.86
C GLU A 163 7.30 2.73 12.23
N ASP A 164 6.03 2.93 12.58
CA ASP A 164 5.59 4.24 13.06
C ASP A 164 6.30 4.61 14.35
N ALA A 165 6.56 3.62 15.21
CA ALA A 165 7.27 3.89 16.46
C ALA A 165 8.70 4.37 16.20
N ILE A 166 9.42 3.69 15.30
CA ILE A 166 10.79 4.12 15.02
C ILE A 166 10.80 5.44 14.27
N PHE A 167 9.80 5.69 13.41
CA PHE A 167 9.74 6.97 12.72
C PHE A 167 9.44 8.11 13.68
N ALA A 168 8.63 7.86 14.71
CA ALA A 168 8.39 8.89 15.72
C ALA A 168 9.63 9.09 16.59
N PHE A 169 10.37 8.01 16.88
CA PHE A 169 11.57 8.13 17.68
C PHE A 169 12.72 8.78 16.93
N VAL A 170 12.67 8.81 15.59
CA VAL A 170 13.62 9.60 14.81
C VAL A 170 13.03 10.95 14.38
N ASP A 171 11.75 11.20 14.64
CA ASP A 171 11.14 12.47 14.25
C ASP A 171 11.61 13.61 15.15
N HIS A 172 11.65 13.39 16.46
CA HIS A 172 12.00 14.43 17.41
C HIS A 172 13.40 14.97 17.19
N ILE A 179 11.31 12.52 27.44
CA ILE A 179 10.73 11.57 26.50
C ILE A 179 9.57 10.83 27.16
N LYS A 180 8.36 11.06 26.66
CA LYS A 180 7.14 10.51 27.23
C LYS A 180 6.70 9.29 26.43
N VAL A 181 6.35 8.22 27.13
CA VAL A 181 5.95 6.95 26.52
C VAL A 181 4.73 6.41 27.27
N VAL A 182 3.56 6.47 26.63
CA VAL A 182 2.33 5.91 27.17
C VAL A 182 2.20 4.50 26.63
N VAL A 183 2.35 3.52 27.52
CA VAL A 183 2.33 2.09 27.21
C VAL A 183 1.20 1.44 27.98
N LYS A 184 0.70 0.33 27.45
CA LYS A 184 -0.39 -0.42 28.07
C LYS A 184 0.09 -1.81 28.47
N PRO A 185 0.26 -2.10 29.75
CA PRO A 185 0.63 -3.45 30.17
C PRO A 185 -0.60 -4.35 30.26
N LEU A 186 -0.34 -5.64 30.44
CA LEU A 186 -1.42 -6.59 30.65
C LEU A 186 -2.14 -6.27 31.96
N ASN A 187 -3.47 -6.38 31.92
CA ASN A 187 -4.36 -6.14 33.06
C ASN A 187 -4.49 -4.66 33.40
N GLN A 188 -3.44 -4.05 33.96
CA GLN A 188 -3.56 -2.69 34.45
C GLN A 188 -3.65 -1.69 33.30
N GLU A 189 -3.98 -0.45 33.66
CA GLU A 189 -4.31 0.59 32.70
C GLU A 189 -3.06 1.26 32.17
N PRO A 190 -3.18 2.06 31.09
CA PRO A 190 -2.00 2.73 30.51
C PRO A 190 -1.18 3.54 31.51
N THR A 191 0.10 3.73 31.20
CA THR A 191 1.01 4.46 32.06
C THR A 191 2.04 5.19 31.20
N THR A 192 2.32 6.43 31.57
CA THR A 192 3.40 7.21 30.96
C THR A 192 4.67 6.94 31.76
N VAL A 193 5.50 6.03 31.24
CA VAL A 193 6.69 5.61 31.97
C VAL A 193 7.74 6.72 31.92
N VAL A 194 8.27 7.08 33.09
CA VAL A 194 9.29 8.12 33.20
C VAL A 194 10.58 7.63 32.54
N LEU A 195 10.74 7.95 31.27
CA LEU A 195 11.90 7.50 30.52
C LEU A 195 12.97 8.58 30.42
N THR A 207 19.29 -3.39 17.44
CA THR A 207 18.38 -2.49 16.73
C THR A 207 18.38 -1.11 17.36
N ILE A 208 17.46 -0.25 16.90
CA ILE A 208 17.38 1.11 17.45
C ILE A 208 16.91 1.07 18.90
N PHE A 209 16.00 0.16 19.22
CA PHE A 209 15.49 0.05 20.58
C PHE A 209 16.57 -0.37 21.58
N ASP A 210 17.67 -0.96 21.10
CA ASP A 210 18.77 -1.30 21.99
C ASP A 210 19.40 -0.06 22.61
N SER A 211 19.24 1.11 21.98
CA SER A 211 19.67 2.35 22.61
C SER A 211 18.88 2.64 23.87
N LEU A 212 17.64 2.13 23.96
CA LEU A 212 16.80 2.30 25.13
C LEU A 212 16.71 1.03 25.97
N GLY A 213 16.80 -0.15 25.37
CA GLY A 213 16.71 -1.39 26.10
C GLY A 213 15.35 -2.03 26.02
N LEU A 214 14.77 -2.07 24.81
CA LEU A 214 13.45 -2.63 24.58
C LEU A 214 13.52 -3.66 23.46
N GLY A 215 12.70 -4.69 23.58
CA GLY A 215 12.62 -5.72 22.56
C GLY A 215 11.18 -6.03 22.23
N PHE A 216 10.91 -6.24 20.94
CA PHE A 216 9.57 -6.51 20.46
C PHE A 216 9.40 -7.99 20.15
N GLY A 217 8.14 -8.41 20.05
CA GLY A 217 7.84 -9.79 19.74
C GLY A 217 6.36 -10.02 19.64
N ARG A 218 5.97 -11.28 19.73
CA ARG A 218 4.56 -11.64 19.65
C ARG A 218 3.77 -10.99 20.79
N VAL A 219 2.50 -10.71 20.50
CA VAL A 219 1.60 -10.18 21.52
C VAL A 219 1.18 -11.31 22.45
N ASN A 220 1.08 -11.01 23.74
CA ASN A 220 0.68 -11.98 24.74
C ASN A 220 -0.57 -11.50 25.45
N GLY A 221 -1.24 -12.42 26.13
CA GLY A 221 -2.45 -12.08 26.84
C GLY A 221 -3.06 -13.29 27.49
N GLU A 222 -4.35 -13.17 27.83
CA GLU A 222 -5.04 -14.24 28.53
C GLU A 222 -5.21 -15.46 27.62
N PRO A 223 -5.17 -16.66 28.19
CA PRO A 223 -5.40 -17.87 27.38
C PRO A 223 -6.86 -18.03 27.01
N SER A 224 -7.46 -16.98 26.44
CA SER A 224 -8.85 -16.98 26.05
C SER A 224 -8.95 -17.21 24.54
N LEU A 225 -10.05 -17.84 24.13
CA LEU A 225 -10.27 -18.21 22.74
C LEU A 225 -11.25 -17.24 22.09
N GLY A 226 -10.90 -16.74 20.90
CA GLY A 226 -11.75 -15.84 20.16
C GLY A 226 -12.29 -16.46 18.90
N LEU A 227 -11.52 -17.35 18.28
CA LEU A 227 -11.93 -18.07 17.09
C LEU A 227 -11.58 -19.55 17.23
N VAL A 228 -12.45 -20.41 16.69
CA VAL A 228 -12.23 -21.85 16.65
C VAL A 228 -12.58 -22.31 15.24
N ALA A 229 -11.58 -22.77 14.49
CA ALA A 229 -11.80 -23.17 13.11
C ALA A 229 -12.64 -24.44 13.04
N LYS A 230 -13.41 -24.56 11.95
CA LYS A 230 -14.28 -25.71 11.78
C LYS A 230 -13.48 -26.95 11.41
N ASP A 231 -13.93 -28.10 11.91
CA ASP A 231 -13.31 -29.39 11.63
C ASP A 231 -11.85 -29.43 12.08
N SER A 232 -11.53 -28.65 13.09
CA SER A 232 -10.21 -28.61 13.71
C SER A 232 -10.18 -29.47 14.96
N PRO A 233 -8.99 -29.86 15.42
CA PRO A 233 -8.91 -30.64 16.67
C PRO A 233 -9.56 -29.93 17.85
N ALA A 234 -9.48 -28.60 17.92
CA ALA A 234 -10.11 -27.86 19.01
C ALA A 234 -11.62 -28.01 18.97
N GLU A 235 -12.21 -27.92 17.77
CA GLU A 235 -13.66 -28.06 17.65
C GLU A 235 -14.11 -29.49 17.97
N LYS A 236 -13.33 -30.49 17.54
CA LYS A 236 -13.69 -31.87 17.82
C LYS A 236 -13.49 -32.21 19.29
N GLY A 237 -12.58 -31.53 19.98
CA GLY A 237 -12.36 -31.78 21.39
C GLY A 237 -13.35 -31.09 22.31
N GLY A 238 -14.07 -30.09 21.81
CA GLY A 238 -15.07 -29.39 22.60
C GLY A 238 -14.75 -27.94 22.90
N LEU A 239 -13.60 -27.44 22.47
CA LEU A 239 -13.26 -26.04 22.72
C LEU A 239 -14.23 -25.12 21.99
N LYS A 240 -14.68 -24.09 22.70
CA LYS A 240 -15.61 -23.10 22.15
C LYS A 240 -15.02 -21.71 22.32
N VAL A 241 -15.61 -20.76 21.58
CA VAL A 241 -15.24 -19.36 21.76
C VAL A 241 -15.59 -18.92 23.18
N GLY A 242 -14.80 -18.01 23.72
CA GLY A 242 -14.99 -17.54 25.07
C GLY A 242 -14.38 -18.41 26.14
N ASP A 243 -13.96 -19.63 25.81
CA ASP A 243 -13.29 -20.48 26.79
C ASP A 243 -11.97 -19.85 27.23
N THR A 244 -11.63 -20.05 28.50
CA THR A 244 -10.38 -19.56 29.07
C THR A 244 -9.68 -20.76 29.71
N VAL A 245 -8.64 -21.25 29.04
CA VAL A 245 -7.92 -22.42 29.54
C VAL A 245 -7.26 -22.07 30.86
N VAL A 246 -7.69 -22.74 31.93
CA VAL A 246 -7.10 -22.50 33.23
C VAL A 246 -5.99 -23.50 33.56
N SER A 247 -6.00 -24.68 32.96
CA SER A 247 -4.96 -25.66 33.25
C SER A 247 -4.75 -26.59 32.06
N VAL A 248 -3.51 -27.02 31.89
CA VAL A 248 -3.12 -27.98 30.86
C VAL A 248 -2.33 -29.10 31.52
N ASN A 249 -2.80 -30.34 31.34
CA ASN A 249 -2.16 -31.51 31.94
C ASN A 249 -1.99 -31.35 33.45
N GLY A 250 -2.99 -30.76 34.10
CA GLY A 250 -2.96 -30.53 35.52
C GLY A 250 -2.21 -29.30 35.96
N GLU A 251 -1.43 -28.68 35.07
CA GLU A 251 -0.65 -27.49 35.42
C GLU A 251 -1.42 -26.24 35.02
N SER A 252 -1.50 -25.29 35.94
CA SER A 252 -2.25 -24.06 35.71
C SER A 252 -1.44 -23.08 34.89
N ILE A 253 -2.06 -22.51 33.87
CA ILE A 253 -1.40 -21.55 32.98
C ILE A 253 -2.11 -20.19 33.11
N SER A 254 -1.39 -19.14 32.70
CA SER A 254 -1.90 -17.79 32.83
C SER A 254 -1.73 -16.94 31.57
N LEU A 255 -1.01 -17.39 30.56
CA LEU A 255 -0.78 -16.61 29.36
C LEU A 255 -1.02 -17.47 28.12
N TRP A 256 -1.44 -16.79 27.04
CA TRP A 256 -1.66 -17.46 25.75
C TRP A 256 -0.39 -18.11 25.23
N SER A 257 0.77 -17.54 25.56
CA SER A 257 2.04 -18.11 25.11
C SER A 257 2.26 -19.49 25.71
N GLU A 258 1.89 -19.68 26.99
CA GLU A 258 2.02 -20.99 27.61
C GLU A 258 1.11 -22.00 26.91
N PHE A 259 -0.10 -21.58 26.54
CA PHE A 259 -1.02 -22.46 25.83
C PHE A 259 -0.45 -22.89 24.49
N VAL A 260 0.06 -21.93 23.70
CA VAL A 260 0.59 -22.31 22.40
C VAL A 260 1.87 -23.11 22.55
N SER A 261 2.61 -22.91 23.64
CA SER A 261 3.77 -23.76 23.93
C SER A 261 3.33 -25.20 24.12
N PHE A 262 2.32 -25.42 24.96
CA PHE A 262 1.80 -26.77 25.16
C PHE A 262 1.27 -27.36 23.86
N ILE A 263 0.66 -26.52 23.02
CA ILE A 263 0.08 -27.02 21.77
C ILE A 263 1.18 -27.47 20.82
N GLU A 264 2.20 -26.64 20.62
CA GLU A 264 3.26 -26.97 19.68
C GLU A 264 4.12 -28.12 20.18
N ASN A 265 4.41 -28.15 21.48
CA ASN A 265 5.29 -29.18 22.02
C ASN A 265 4.68 -30.57 22.01
N ASN A 266 3.36 -30.70 21.81
CA ASN A 266 2.68 -31.99 21.84
C ASN A 266 1.96 -32.24 20.52
N PRO A 267 2.68 -32.59 19.46
CA PRO A 267 2.04 -32.94 18.19
C PRO A 267 1.54 -34.38 18.21
N GLY A 268 0.22 -34.54 18.27
CA GLY A 268 -0.40 -35.85 18.27
C GLY A 268 -0.59 -36.47 19.64
N LYS A 269 -0.08 -35.85 20.70
CA LYS A 269 -0.27 -36.38 22.04
C LYS A 269 -1.48 -35.71 22.70
N PRO A 270 -2.34 -36.49 23.35
CA PRO A 270 -3.58 -35.92 23.92
C PRO A 270 -3.26 -35.03 25.12
N LEU A 271 -3.81 -33.81 25.09
CA LEU A 271 -3.70 -32.86 26.18
C LEU A 271 -5.04 -32.77 26.90
N GLU A 272 -5.00 -32.92 28.22
CA GLU A 272 -6.19 -32.81 29.06
C GLU A 272 -6.24 -31.40 29.63
N LEU A 273 -7.19 -30.61 29.15
CA LEU A 273 -7.33 -29.22 29.54
C LEU A 273 -8.48 -29.05 30.52
N ILE A 274 -8.38 -28.02 31.35
CA ILE A 274 -9.49 -27.52 32.15
C ILE A 274 -9.67 -26.06 31.78
N VAL A 275 -10.87 -25.69 31.35
CA VAL A 275 -11.15 -24.35 30.86
C VAL A 275 -12.24 -23.72 31.73
N ALA A 276 -12.16 -22.39 31.87
CA ALA A 276 -13.18 -21.62 32.55
C ALA A 276 -14.24 -21.21 31.54
N ARG A 277 -15.49 -21.60 31.79
CA ARG A 277 -16.56 -21.46 30.80
C ARG A 277 -17.85 -21.19 31.52
N ASP A 278 -18.51 -20.07 31.16
CA ASP A 278 -19.85 -19.72 31.67
C ASP A 278 -19.90 -19.73 33.20
N GLY A 279 -18.78 -19.41 33.84
CA GLY A 279 -18.73 -19.33 35.28
C GLY A 279 -18.31 -20.60 35.99
N TYR A 280 -18.25 -21.74 35.30
CA TYR A 280 -17.83 -22.99 35.89
C TYR A 280 -16.56 -23.48 35.16
N GLN A 281 -16.18 -24.72 35.42
CA GLN A 281 -14.97 -25.31 34.87
C GLN A 281 -15.33 -26.56 34.08
N GLN A 282 -14.98 -26.57 32.79
CA GLN A 282 -15.22 -27.72 31.94
C GLN A 282 -13.91 -28.43 31.63
N PRO A 283 -13.82 -29.74 31.87
CA PRO A 283 -12.65 -30.50 31.42
C PRO A 283 -12.81 -30.99 30.00
N LEU A 284 -11.77 -30.84 29.18
CA LEU A 284 -11.77 -31.27 27.79
C LEU A 284 -10.50 -32.03 27.49
N VAL A 285 -10.49 -32.72 26.35
CA VAL A 285 -9.31 -33.44 25.85
C VAL A 285 -9.15 -33.11 24.38
N VAL A 286 -7.96 -32.66 23.99
CA VAL A 286 -7.71 -32.27 22.60
C VAL A 286 -6.42 -32.94 22.13
N THR A 287 -6.45 -33.45 20.90
CA THR A 287 -5.27 -34.05 20.28
C THR A 287 -4.82 -33.16 19.13
N PRO A 288 -3.89 -32.23 19.36
CA PRO A 288 -3.47 -31.33 18.28
C PRO A 288 -2.62 -32.07 17.26
N GLU A 289 -2.90 -31.82 15.98
CA GLU A 289 -2.23 -32.48 14.88
C GLU A 289 -1.28 -31.51 14.19
N ALA A 290 -0.11 -32.00 13.83
CA ALA A 290 0.88 -31.20 13.12
C ALA A 290 0.58 -31.18 11.63
N ASN A 291 0.96 -30.08 10.99
CA ASN A 291 0.67 -29.88 9.57
C ASN A 291 1.71 -30.61 8.71
N GLU A 292 1.65 -30.39 7.39
CA GLU A 292 2.50 -31.12 6.46
C GLU A 292 3.90 -30.55 6.39
N ARG A 293 4.04 -29.23 6.48
CA ARG A 293 5.35 -28.61 6.27
C ARG A 293 6.35 -29.00 7.36
N ASP A 294 5.87 -29.23 8.59
CA ASP A 294 6.74 -29.68 9.68
C ASP A 294 5.88 -30.43 10.68
N ARG A 295 5.95 -31.76 10.64
CA ARG A 295 5.16 -32.60 11.55
C ARG A 295 5.81 -32.70 12.92
N THR A 296 6.53 -31.65 13.32
CA THR A 296 7.14 -31.57 14.63
C THR A 296 6.48 -30.52 15.53
N ILE A 297 5.71 -29.61 14.96
CA ILE A 297 5.07 -28.52 15.70
C ILE A 297 3.57 -28.80 15.75
N GLY A 298 3.04 -28.95 16.96
CA GLY A 298 1.63 -29.23 17.11
C GLY A 298 0.75 -28.06 16.74
N TYR A 299 -0.53 -28.37 16.50
CA TYR A 299 -1.49 -27.39 16.02
C TYR A 299 -2.89 -27.96 16.20
N LEU A 300 -3.83 -27.10 16.63
CA LEU A 300 -5.22 -27.51 16.76
C LEU A 300 -6.23 -26.49 16.23
N GLY A 301 -5.80 -25.27 15.89
CA GLY A 301 -6.67 -24.34 15.19
C GLY A 301 -7.49 -23.43 16.07
N ILE A 302 -6.84 -22.46 16.73
CA ILE A 302 -7.51 -21.47 17.55
C ILE A 302 -6.87 -20.12 17.31
N SER A 303 -7.59 -19.07 17.74
CA SER A 303 -7.12 -17.70 17.71
C SER A 303 -7.34 -17.07 19.08
N PRO A 304 -6.45 -16.19 19.51
CA PRO A 304 -6.62 -15.56 20.82
C PRO A 304 -7.79 -14.58 20.81
N ALA A 305 -8.42 -14.44 21.99
CA ALA A 305 -9.53 -13.50 22.12
C ALA A 305 -9.05 -12.06 21.99
N PHE A 306 -7.80 -11.78 22.32
CA PHE A 306 -7.23 -10.46 22.10
C PHE A 306 -6.70 -10.35 20.68
N GLN A 307 -6.65 -9.12 20.19
CA GLN A 307 -6.17 -8.86 18.84
C GLN A 307 -4.66 -8.60 18.84
N GLY A 308 -4.01 -8.96 17.74
CA GLY A 308 -2.60 -8.71 17.56
C GLY A 308 -2.33 -7.78 16.40
N TYR A 309 -3.40 -7.30 15.77
CA TYR A 309 -3.33 -6.41 14.62
C TYR A 309 -3.91 -5.06 14.96
N ASN A 310 -3.31 -4.01 14.43
CA ASN A 310 -3.87 -2.66 14.45
C ASN A 310 -4.30 -2.28 13.04
N VAL A 311 -5.31 -1.44 12.95
CA VAL A 311 -5.89 -1.03 11.67
C VAL A 311 -5.59 0.45 11.49
N ILE A 312 -4.61 0.77 10.65
CA ILE A 312 -4.33 2.15 10.29
C ILE A 312 -5.37 2.59 9.27
N ASN A 313 -6.07 3.69 9.58
CA ASN A 313 -7.03 4.32 8.69
C ASN A 313 -6.59 5.74 8.40
N TYR A 314 -7.03 6.25 7.26
CA TYR A 314 -6.67 7.59 6.80
C TYR A 314 -7.88 8.28 6.20
N GLY A 315 -7.92 9.61 6.34
CA GLY A 315 -8.85 10.40 5.57
C GLY A 315 -8.33 10.58 4.16
N PHE A 316 -9.24 10.49 3.18
CA PHE A 316 -8.81 10.45 1.78
C PHE A 316 -8.09 11.73 1.37
N PHE A 317 -8.47 12.87 1.93
CA PHE A 317 -7.76 14.11 1.65
C PHE A 317 -6.30 14.05 2.10
N GLU A 318 -5.99 13.19 3.06
CA GLU A 318 -4.62 12.87 3.45
C GLU A 318 -4.12 11.58 2.80
N SER A 319 -5.03 10.66 2.48
CA SER A 319 -4.63 9.42 1.82
C SER A 319 -4.01 9.70 0.46
N PHE A 320 -4.51 10.71 -0.25
CA PHE A 320 -3.92 11.05 -1.54
C PHE A 320 -2.47 11.49 -1.38
N GLY A 321 -2.21 12.41 -0.45
CA GLY A 321 -0.85 12.88 -0.24
C GLY A 321 0.07 11.78 0.25
N LYS A 322 -0.44 10.89 1.10
CA LYS A 322 0.41 9.81 1.60
C LYS A 322 0.67 8.75 0.54
N GLY A 323 -0.29 8.50 -0.35
CA GLY A 323 -0.02 7.65 -1.49
C GLY A 323 0.99 8.26 -2.44
N ALA A 324 0.93 9.58 -2.61
CA ALA A 324 1.96 10.26 -3.40
C ALA A 324 3.34 10.11 -2.76
N GLU A 325 3.41 10.27 -1.43
CA GLU A 325 4.69 10.08 -0.76
C GLU A 325 5.18 8.65 -0.88
N GLN A 326 4.26 7.68 -0.83
CA GLN A 326 4.65 6.28 -1.00
C GLN A 326 5.15 6.00 -2.41
N THR A 327 4.52 6.62 -3.41
CA THR A 327 5.01 6.48 -4.78
C THR A 327 6.39 7.11 -4.92
N TRP A 328 6.64 8.23 -4.24
CA TRP A 328 7.97 8.82 -4.27
C TRP A 328 8.99 7.90 -3.61
N VAL A 329 8.61 7.27 -2.50
CA VAL A 329 9.49 6.29 -1.86
C VAL A 329 9.80 5.14 -2.82
N MSE A 330 8.77 4.65 -3.52
CA MSE A 330 8.93 3.57 -4.49
C MSE A 330 9.86 3.97 -5.64
O MSE A 330 10.70 3.17 -6.07
CB MSE A 330 7.57 3.15 -5.04
CG MSE A 330 6.69 2.39 -4.05
SE MSE A 330 7.16 0.50 -3.88
CE MSE A 330 5.81 -0.04 -2.58
N VAL A 331 9.73 5.20 -6.14
CA VAL A 331 10.57 5.60 -7.26
C VAL A 331 12.00 5.86 -6.80
N GLU A 332 12.20 6.31 -5.56
CA GLU A 332 13.58 6.41 -5.06
C GLU A 332 14.18 5.03 -4.83
N ARG A 333 13.36 4.06 -4.41
CA ARG A 333 13.82 2.68 -4.32
C ARG A 333 14.21 2.15 -5.69
N ILE A 334 13.41 2.46 -6.72
CA ILE A 334 13.74 2.03 -8.07
C ILE A 334 15.02 2.72 -8.55
N GLY A 335 15.22 3.98 -8.17
CA GLY A 335 16.44 4.66 -8.53
C GLY A 335 17.67 4.03 -7.88
N SER A 336 17.55 3.66 -6.61
CA SER A 336 18.65 2.96 -5.94
C SER A 336 18.93 1.63 -6.61
N PHE A 337 17.88 0.86 -6.92
CA PHE A 337 18.06 -0.43 -7.58
C PHE A 337 18.70 -0.27 -8.96
N LEU A 338 18.31 0.77 -9.69
CA LEU A 338 18.84 0.98 -11.04
C LEU A 338 20.29 1.44 -10.98
N GLY A 339 20.62 2.33 -10.04
CA GLY A 339 22.01 2.73 -9.87
C GLY A 339 22.90 1.59 -9.43
N LYS A 340 22.38 0.68 -8.61
CA LYS A 340 23.16 -0.50 -8.24
C LYS A 340 23.30 -1.47 -9.42
N LEU A 341 22.26 -1.59 -10.24
CA LEU A 341 22.31 -2.52 -11.37
C LEU A 341 23.34 -2.08 -12.41
N ILE A 342 23.48 -0.78 -12.61
CA ILE A 342 24.43 -0.26 -13.59
C ILE A 342 25.71 0.21 -12.90
N THR A 364 4.76 -7.39 8.21
CA THR A 364 3.34 -7.72 8.30
C THR A 364 2.84 -8.29 6.97
N ALA A 365 1.65 -8.88 7.00
CA ALA A 365 1.07 -9.50 5.80
C ALA A 365 -0.44 -9.31 5.85
N GLN A 366 -0.94 -8.40 5.02
CA GLN A 366 -2.38 -8.12 4.95
C GLN A 366 -2.92 -8.76 3.67
N ALA A 367 -3.19 -10.06 3.75
CA ALA A 367 -3.65 -10.83 2.60
C ALA A 367 -5.02 -10.35 2.14
N GLY A 368 -5.38 -10.78 0.94
CA GLY A 368 -6.63 -10.41 0.31
C GLY A 368 -6.41 -9.65 -0.99
N MSE A 369 -7.48 -9.09 -1.51
CA MSE A 369 -7.41 -8.29 -2.72
C MSE A 369 -6.68 -6.98 -2.44
O MSE A 369 -6.10 -6.38 -3.35
CB MSE A 369 -8.82 -8.01 -3.27
CG MSE A 369 -8.86 -7.12 -4.51
SE MSE A 369 -10.58 -7.11 -5.40
CE MSE A 369 -10.22 -8.43 -6.80
N VAL A 370 -6.68 -6.55 -1.18
CA VAL A 370 -5.98 -5.33 -0.79
C VAL A 370 -4.49 -5.44 -1.10
N ALA A 371 -3.94 -6.65 -1.05
CA ALA A 371 -2.54 -6.85 -1.45
C ALA A 371 -2.41 -6.86 -2.96
N PHE A 372 -3.40 -7.40 -3.66
CA PHE A 372 -3.39 -7.38 -5.13
C PHE A 372 -3.37 -5.95 -5.65
N LEU A 373 -4.11 -5.06 -5.01
CA LEU A 373 -4.12 -3.67 -5.43
C LEU A 373 -2.78 -2.99 -5.19
N LEU A 374 -2.13 -3.32 -4.07
CA LEU A 374 -0.79 -2.80 -3.80
C LEU A 374 0.20 -3.27 -4.85
N TYR A 375 0.16 -4.57 -5.20
CA TYR A 375 1.04 -5.07 -6.24
C TYR A 375 0.76 -4.42 -7.58
N LEU A 376 -0.52 -4.18 -7.88
CA LEU A 376 -0.88 -3.50 -9.13
C LEU A 376 -0.29 -2.09 -9.16
N ALA A 377 -0.42 -1.35 -8.06
CA ALA A 377 0.12 0.00 -8.01
C ALA A 377 1.64 0.00 -8.11
N MSE A 378 2.30 -0.99 -7.50
CA MSE A 378 3.76 -1.07 -7.58
C MSE A 378 4.22 -1.36 -8.99
O MSE A 378 5.20 -0.77 -9.47
CB MSE A 378 4.29 -2.13 -6.62
CG MSE A 378 5.80 -2.08 -6.45
SE MSE A 378 6.54 -3.65 -5.58
CE MSE A 378 6.12 -4.98 -6.95
N ILE A 379 3.53 -2.28 -9.68
CA ILE A 379 3.86 -2.56 -11.08
C ILE A 379 3.59 -1.33 -11.94
N SER A 380 2.55 -0.57 -11.60
CA SER A 380 2.28 0.67 -12.31
C SER A 380 3.43 1.67 -12.14
N VAL A 381 3.96 1.78 -10.93
CA VAL A 381 5.10 2.65 -10.68
C VAL A 381 6.31 2.17 -11.48
N ASN A 382 6.55 0.86 -11.47
CA ASN A 382 7.66 0.30 -12.24
C ASN A 382 7.55 0.66 -13.72
N LEU A 383 6.36 0.53 -14.28
CA LEU A 383 6.15 0.87 -15.68
C LEU A 383 6.35 2.36 -15.93
N GLY A 384 5.74 3.20 -15.08
CA GLY A 384 5.90 4.63 -15.22
C GLY A 384 7.33 5.10 -15.11
N PHE A 385 8.17 4.35 -14.40
CA PHE A 385 9.59 4.68 -14.36
C PHE A 385 10.32 4.19 -15.59
N VAL A 386 10.13 2.91 -15.94
CA VAL A 386 10.96 2.32 -16.99
C VAL A 386 10.61 2.90 -18.36
N ASN A 387 9.34 3.20 -18.61
CA ASN A 387 8.94 3.76 -19.90
C ASN A 387 9.28 5.24 -20.03
N LEU A 388 9.90 5.84 -19.02
CA LEU A 388 10.35 7.22 -19.09
C LEU A 388 11.85 7.33 -19.34
N LEU A 389 12.56 6.21 -19.41
CA LEU A 389 13.98 6.24 -19.69
C LEU A 389 14.22 6.74 -21.11
N PRO A 390 15.26 7.55 -21.34
CA PRO A 390 15.54 8.06 -22.68
C PRO A 390 15.89 6.97 -23.68
N ILE A 391 14.94 6.09 -23.95
CA ILE A 391 15.09 5.02 -24.94
C ILE A 391 14.38 5.47 -26.20
N PRO A 392 14.96 5.27 -27.39
CA PRO A 392 14.41 5.92 -28.60
C PRO A 392 12.93 5.71 -28.86
N MSE A 393 12.43 4.47 -28.75
CA MSE A 393 11.03 4.21 -29.10
C MSE A 393 10.06 4.41 -27.94
O MSE A 393 8.85 4.30 -28.11
CB MSE A 393 10.88 2.79 -29.65
CG MSE A 393 11.55 2.57 -30.99
SE MSE A 393 10.75 1.07 -31.94
CE MSE A 393 10.71 -0.22 -30.48
N LEU A 394 10.60 4.71 -26.75
CA LEU A 394 9.78 4.91 -25.56
C LEU A 394 9.46 6.39 -25.38
N ASP A 395 8.62 6.67 -24.37
CA ASP A 395 8.19 8.05 -24.13
C ASP A 395 9.36 8.94 -23.72
N GLY A 396 10.40 8.38 -23.10
CA GLY A 396 11.57 9.18 -22.76
C GLY A 396 12.35 9.65 -23.98
N GLY A 397 12.45 8.78 -24.98
CA GLY A 397 13.11 9.19 -26.22
C GLY A 397 12.34 10.28 -26.94
N HIS A 398 11.01 10.17 -26.98
CA HIS A 398 10.19 11.23 -27.54
C HIS A 398 10.37 12.52 -26.75
N LEU A 399 10.47 12.41 -25.42
CA LEU A 399 10.69 13.58 -24.58
C LEU A 399 12.00 14.26 -24.95
N MSE A 400 13.07 13.48 -25.11
CA MSE A 400 14.37 14.00 -25.53
C MSE A 400 14.31 14.66 -26.91
O MSE A 400 14.87 15.74 -27.12
CB MSE A 400 15.42 12.88 -25.55
CG MSE A 400 15.93 12.48 -24.18
SE MSE A 400 17.01 13.86 -23.34
CE MSE A 400 15.86 14.27 -21.82
N TYR A 401 13.61 14.01 -27.85
CA TYR A 401 13.50 14.53 -29.21
C TYR A 401 12.80 15.89 -29.20
N TYR A 402 11.67 15.99 -28.50
CA TYR A 402 10.96 17.27 -28.50
C TYR A 402 11.65 18.31 -27.64
N LEU A 403 12.45 17.90 -26.65
CA LEU A 403 13.26 18.87 -25.92
C LEU A 403 14.33 19.47 -26.81
N VAL A 404 15.04 18.64 -27.59
CA VAL A 404 16.05 19.20 -28.47
C VAL A 404 15.40 20.00 -29.60
N GLU A 405 14.18 19.64 -30.01
CA GLU A 405 13.49 20.44 -31.00
C GLU A 405 13.10 21.80 -30.43
N LEU A 406 12.68 21.85 -29.16
CA LEU A 406 12.39 23.12 -28.51
C LEU A 406 13.65 23.96 -28.37
N VAL A 407 14.78 23.31 -28.09
CA VAL A 407 16.04 24.04 -27.98
C VAL A 407 16.45 24.64 -29.32
N ARG A 408 16.35 23.85 -30.39
CA ARG A 408 16.70 24.35 -31.71
C ARG A 408 15.79 25.49 -32.14
N GLY A 409 14.52 25.42 -31.76
CA GLY A 409 13.55 26.44 -32.13
C GLY A 409 13.42 27.55 -31.12
N LYS A 410 14.19 28.63 -31.29
CA LYS A 410 14.13 29.80 -30.41
C LYS A 410 13.93 31.03 -31.29
N PRO A 411 12.72 31.25 -31.81
CA PRO A 411 12.46 32.42 -32.65
C PRO A 411 12.00 33.65 -31.91
N VAL A 412 11.70 33.54 -30.61
CA VAL A 412 11.21 34.66 -29.82
C VAL A 412 11.91 34.64 -28.46
N SER A 413 12.23 35.83 -27.96
CA SER A 413 12.81 36.01 -26.64
C SER A 413 11.79 36.67 -25.72
N GLU A 414 12.03 36.54 -24.42
CA GLU A 414 11.15 37.01 -23.35
C GLU A 414 9.77 36.37 -23.39
N LYS A 415 9.56 35.39 -24.27
CA LYS A 415 8.31 34.63 -24.30
C LYS A 415 8.38 33.43 -23.37
N ILE A 416 9.49 32.67 -23.43
CA ILE A 416 9.68 31.55 -22.53
C ILE A 416 9.65 32.01 -21.08
N MSE A 417 10.09 33.24 -20.82
CA MSE A 417 10.05 33.80 -19.47
C MSE A 417 8.61 34.14 -19.07
O MSE A 417 8.24 34.02 -17.90
CB MSE A 417 10.93 35.05 -19.38
CG MSE A 417 10.98 35.69 -18.00
SE MSE A 417 12.49 36.89 -17.80
CE MSE A 417 13.94 35.59 -17.93
N GLU A 418 7.81 34.56 -20.06
CA GLU A 418 6.43 34.93 -19.80
C GLU A 418 5.66 33.79 -19.12
N LEU A 419 5.62 32.63 -19.76
CA LEU A 419 5.03 31.45 -19.15
C LEU A 419 5.61 31.21 -17.76
N GLY A 420 6.91 31.45 -17.61
CA GLY A 420 7.61 31.24 -16.36
C GLY A 420 6.96 31.95 -15.18
N MSE A 421 6.20 33.01 -15.45
CA MSE A 421 5.44 33.65 -14.40
C MSE A 421 4.01 33.15 -14.40
O MSE A 421 3.45 32.86 -13.33
CB MSE A 421 5.48 35.18 -14.56
CG MSE A 421 6.67 35.84 -13.85
SE MSE A 421 6.53 37.77 -13.77
CE MSE A 421 8.04 38.15 -12.60
N ARG A 422 3.42 33.03 -15.59
CA ARG A 422 2.01 32.65 -15.68
C ARG A 422 1.79 31.25 -15.11
N VAL A 423 2.78 30.38 -15.21
CA VAL A 423 2.72 29.11 -14.48
C VAL A 423 2.81 29.37 -12.98
N GLY A 424 3.87 30.07 -12.55
CA GLY A 424 4.08 30.31 -11.14
C GLY A 424 2.89 30.98 -10.47
N ILE A 425 2.28 31.95 -11.16
CA ILE A 425 1.06 32.58 -10.67
C ILE A 425 0.05 31.51 -10.25
N ILE A 426 -0.29 30.61 -11.19
CA ILE A 426 -1.22 29.54 -10.89
C ILE A 426 -0.80 28.82 -9.61
N LEU A 427 0.49 28.47 -9.52
CA LEU A 427 1.01 27.86 -8.31
C LEU A 427 0.68 28.72 -7.09
N VAL A 428 1.16 29.96 -7.07
CA VAL A 428 1.02 30.82 -5.90
C VAL A 428 -0.44 31.19 -5.72
N LEU A 429 -1.29 30.75 -6.66
CA LEU A 429 -2.73 30.82 -6.48
C LEU A 429 -3.30 29.52 -5.94
N THR A 430 -3.01 28.39 -6.58
CA THR A 430 -3.62 27.13 -6.16
C THR A 430 -3.13 26.73 -4.77
N ILE A 431 -1.81 26.79 -4.54
CA ILE A 431 -1.28 26.52 -3.20
C ILE A 431 -1.77 27.56 -2.20
N MSE A 432 -2.26 28.70 -2.69
CA MSE A 432 -2.89 29.67 -1.81
C MSE A 432 -4.27 29.18 -1.43
O MSE A 432 -4.64 29.18 -0.26
CB MSE A 432 -2.97 31.04 -2.49
CG MSE A 432 -3.58 32.12 -1.61
SE MSE A 432 -3.76 33.83 -2.55
CE MSE A 432 -4.47 34.90 -1.07
N ALA A 433 -5.02 28.74 -2.45
CA ALA A 433 -6.40 28.30 -2.22
C ALA A 433 -6.46 27.22 -1.15
N ILE A 434 -5.70 26.14 -1.33
CA ILE A 434 -5.61 25.12 -0.30
C ILE A 434 -5.19 25.72 1.03
N ALA A 435 -4.15 26.57 1.00
CA ALA A 435 -3.68 27.22 2.21
C ALA A 435 -4.80 28.02 2.88
N LEU A 436 -5.70 28.58 2.08
CA LEU A 436 -6.91 29.18 2.65
C LEU A 436 -7.84 28.11 3.18
N PHE A 437 -8.21 27.16 2.30
CA PHE A 437 -9.16 26.11 2.67
C PHE A 437 -8.71 25.37 3.91
N PHE A 438 -7.41 25.07 4.00
CA PHE A 438 -6.84 24.46 5.19
C PHE A 438 -7.26 25.23 6.44
N ASP A 439 -6.90 26.52 6.48
CA ASP A 439 -7.25 27.34 7.64
C ASP A 439 -8.75 27.52 7.79
N ILE A 440 -9.53 27.22 6.75
CA ILE A 440 -10.97 27.25 6.87
C ILE A 440 -11.48 25.99 7.57
N ASN A 441 -10.86 24.84 7.30
CA ASN A 441 -11.35 23.59 7.86
C ASN A 441 -11.02 23.44 9.33
N ARG A 442 -10.02 24.18 9.84
CA ARG A 442 -9.72 24.14 11.26
C ARG A 442 -10.75 24.88 12.08
N ILE A 443 -11.48 25.84 11.49
CA ILE A 443 -12.52 26.56 12.22
C ILE A 443 -13.75 25.68 12.38
N ASN A 444 -14.05 24.85 11.38
CA ASN A 444 -15.25 24.01 11.42
C ASN A 444 -15.20 22.97 12.53
N GLN A 445 -14.02 22.64 13.05
CA GLN A 445 -13.91 21.63 14.08
C GLN A 445 -14.37 22.16 15.43
N LEU A 446 -13.74 23.24 15.90
CA LEU A 446 -14.04 23.81 17.21
C LEU A 446 -15.44 24.42 17.24
N TYR A 454 -14.69 25.04 29.08
CA TYR A 454 -13.58 24.11 29.17
C TYR A 454 -13.96 22.86 29.96
N PHE A 455 -14.37 21.82 29.25
CA PHE A 455 -14.84 20.60 29.89
C PHE A 455 -13.69 19.79 30.46
N GLN A 456 -13.99 19.01 31.50
CA GLN A 456 -13.01 18.15 32.14
C GLN A 456 -13.62 16.81 32.55
ZN ZN B . 3.16 6.05 -23.85
C1 BAT C . 4.17 2.26 -25.14
C2 BAT C . 3.66 3.69 -24.98
C3 BAT C . 5.63 2.27 -25.59
C4 BAT C . 5.18 0.89 -28.20
C5 BAT C . 5.13 -0.44 -27.57
C6 BAT C . 4.59 -1.47 -28.54
C7 BAT C . 4.30 -0.88 -29.77
C8 BAT C . 4.14 1.57 -23.78
C9 BAT C . 2.71 1.39 -23.26
C10 BAT C . 2.80 0.71 -21.90
C11 BAT C . 3.52 1.63 -20.91
C12 BAT C . 1.40 0.42 -21.37
C13 BAT C . 4.80 0.20 -23.88
C14 BAT C . 6.61 -1.37 -23.13
C15 BAT C . 6.48 -2.06 -21.78
C16 BAT C . 5.66 -4.01 -20.40
C17 BAT C . 8.06 -1.08 -23.53
C18 BAT C . 9.06 -2.11 -22.99
C19 BAT C . 9.86 -1.77 -22.00
C20 BAT C . 10.87 -2.79 -21.47
C21 BAT C . 10.95 -3.99 -22.00
C22 BAT C . 10.02 -4.37 -23.16
C23 BAT C . 9.15 -3.49 -23.63
N1 BAT C . 2.32 4.03 -25.41
N2 BAT C . 5.94 -0.09 -23.05
N3 BAT C . 5.81 -3.35 -21.69
O1 BAT C . 4.34 4.54 -24.51
O2 BAT C . 1.88 5.35 -25.26
O3 BAT C . 4.38 -0.62 -24.64
O4 BAT C . 6.90 -1.54 -20.80
S1 BAT C . 5.75 2.41 -27.40
S2 BAT C . 4.60 0.79 -29.84
#